data_8AK8
#
_entry.id   8AK8
#
_cell.length_a   91.074
_cell.length_b   91.074
_cell.length_c   143.197
_cell.angle_alpha   90.000
_cell.angle_beta   90.000
_cell.angle_gamma   120.000
#
_symmetry.space_group_name_H-M   'P 63'
#
loop_
_entity.id
_entity.type
_entity.pdbx_description
1 polymer 'NAD-dependent protein deacetylase sirtuin-6'
2 non-polymer '[(2R,3S,4R,5R)-5-(6-AMINOPURIN-9-YL)-3,4-DIHYDROXY-OXOLAN-2-YL]METHYL [HYDROXY-[[(2R,3S,4R,5S)-3,4,5-TRIHYDROXYOXOLAN-2-YL]METHOXY]PHOSPHORYL] HYDROGEN PHOSPHATE'
3 non-polymer 'ZINC ION'
4 non-polymer DI(HYDROXYETHYL)ETHER
5 non-polymer 'HEXAETHYLENE GLYCOL'
6 non-polymer 'SULFATE ION'
7 non-polymer 4-HYDROXYBENZAMIDE
8 non-polymer 'CHLORIDE ION'
9 water water
#
_entity_poly.entity_id   1
_entity_poly.type   'polypeptide(L)'
_entity_poly.pdbx_seq_one_letter_code
;GIDPFTADKGKCGLPEIFDPPEELERKVWELARLVWQSSSVVFHTGAGISTASGIPDFRGPHGVWTMEERGLAPKFDTTF
ESARPTQTHMALVQLERVGLLRFLVSQNVDGLHVRSGFPRDKLAELHGNMFVEECAKCKTQYVRDTVVGTMGLKATGRLC
TVAKARGLRACRGELRDTILDWEDSLPDRDLALADEASRNADLSITLGTSLQIRPSGNLPLATKRRGGRLVIVNLQPTKH
DRHADLRIHGYVDEVMTRLMKHLGLEIPAWDGPRVLERALPPLPRPPTPKLEPKEESPTRIN
;
_entity_poly.pdbx_strand_id   A,B
#
loop_
_chem_comp.id
_chem_comp.type
_chem_comp.name
_chem_comp.formula
AR6 non-polymer '[(2R,3S,4R,5R)-5-(6-AMINOPURIN-9-YL)-3,4-DIHYDROXY-OXOLAN-2-YL]METHYL [HYDROXY-[[(2R,3S,4R,5S)-3,4,5-TRIHYDROXYOXOLAN-2-YL]METHOXY]PHOSPHORYL] HYDROGEN PHOSPHATE' 'C15 H23 N5 O14 P2'
CL non-polymer 'CHLORIDE ION' 'Cl -1'
HBD non-polymer 4-HYDROXYBENZAMIDE 'C7 H7 N O2'
P6G non-polymer 'HEXAETHYLENE GLYCOL' 'C12 H26 O7'
PEG non-polymer DI(HYDROXYETHYL)ETHER 'C4 H10 O3'
SO4 non-polymer 'SULFATE ION' 'O4 S -2'
ZN non-polymer 'ZINC ION' 'Zn 2'
#
# COMPACT_ATOMS: atom_id res chain seq x y z
N PRO A 4 31.40 1.62 1.39
CA PRO A 4 30.08 1.21 1.89
C PRO A 4 29.69 2.00 3.14
N PHE A 5 30.67 2.16 4.04
CA PHE A 5 30.54 2.84 5.35
C PHE A 5 30.71 4.33 5.12
N THR A 6 31.72 4.71 4.35
CA THR A 6 32.07 6.12 4.07
C THR A 6 31.20 6.63 2.93
N ALA A 7 30.50 5.72 2.24
CA ALA A 7 29.66 6.06 1.05
C ALA A 7 28.82 7.29 1.36
N ASP A 8 28.85 8.29 0.47
CA ASP A 8 28.01 9.51 0.61
C ASP A 8 26.54 9.12 0.43
N LYS A 9 25.74 9.28 1.48
CA LYS A 9 24.30 8.91 1.46
C LYS A 9 23.44 10.15 1.20
N GLY A 10 24.06 11.32 1.00
CA GLY A 10 23.40 12.55 0.53
C GLY A 10 22.65 13.23 1.64
N LYS A 11 21.77 14.17 1.28
CA LYS A 11 20.89 14.93 2.19
C LYS A 11 19.72 14.04 2.59
N CYS A 12 19.66 13.70 3.88
CA CYS A 12 18.63 12.80 4.46
C CYS A 12 17.73 13.58 5.38
N GLY A 13 16.42 13.32 5.28
CA GLY A 13 15.38 13.81 6.22
C GLY A 13 15.14 15.29 6.13
N LEU A 14 15.26 15.89 4.94
CA LEU A 14 14.78 17.27 4.71
C LEU A 14 13.28 17.32 4.98
N PRO A 15 12.77 18.50 5.39
CA PRO A 15 11.36 18.68 5.68
C PRO A 15 10.52 18.41 4.42
N GLU A 16 9.36 17.84 4.64
CA GLU A 16 8.38 17.65 3.54
C GLU A 16 7.70 18.97 3.24
N ILE A 17 7.28 19.14 1.99
CA ILE A 17 6.52 20.31 1.49
C ILE A 17 5.17 19.78 1.04
N PHE A 18 4.06 20.37 1.50
CA PHE A 18 2.69 20.06 1.02
C PHE A 18 2.08 21.28 0.33
N ASP A 19 1.94 21.22 -1.01
CA ASP A 19 1.17 22.22 -1.79
C ASP A 19 -0.25 22.27 -1.24
N PRO A 20 -0.81 23.47 -0.92
CA PRO A 20 -2.19 23.55 -0.49
C PRO A 20 -3.12 22.99 -1.58
N PRO A 21 -4.34 22.52 -1.21
CA PRO A 21 -5.25 21.87 -2.17
C PRO A 21 -5.57 22.61 -3.47
N GLU A 22 -5.75 23.93 -3.45
CA GLU A 22 -6.10 24.73 -4.66
C GLU A 22 -4.89 24.71 -5.59
N GLU A 23 -3.69 24.88 -5.02
CA GLU A 23 -2.41 24.89 -5.75
C GLU A 23 -2.15 23.50 -6.37
N LEU A 24 -2.37 22.45 -5.60
CA LEU A 24 -2.17 21.04 -6.05
C LEU A 24 -3.11 20.73 -7.22
N GLU A 25 -4.40 21.00 -7.10
CA GLU A 25 -5.39 20.79 -8.20
C GLU A 25 -4.93 21.50 -9.47
N ARG A 26 -4.53 22.76 -9.36
CA ARG A 26 -4.02 23.60 -10.48
C ARG A 26 -2.77 22.99 -11.13
N LYS A 27 -1.79 22.60 -10.32
CA LYS A 27 -0.53 22.01 -10.86
C LYS A 27 -0.81 20.67 -11.54
N VAL A 28 -1.77 19.89 -11.04
CA VAL A 28 -2.07 18.55 -11.65
C VAL A 28 -2.81 18.76 -12.99
N TRP A 29 -3.60 19.82 -13.10
CA TRP A 29 -4.21 20.22 -14.39
C TRP A 29 -3.10 20.67 -15.36
N GLU A 30 -2.09 21.37 -14.88
CA GLU A 30 -0.94 21.80 -15.73
C GLU A 30 -0.15 20.58 -16.19
N LEU A 31 0.01 19.57 -15.33
CA LEU A 31 0.71 18.32 -15.67
C LEU A 31 -0.10 17.61 -16.77
N ALA A 32 -1.42 17.52 -16.62
CA ALA A 32 -2.31 16.94 -17.66
C ALA A 32 -2.10 17.66 -19.01
N ARG A 33 -2.14 18.99 -19.00
CA ARG A 33 -1.87 19.86 -20.18
C ARG A 33 -0.51 19.50 -20.79
N LEU A 34 0.53 19.36 -19.95
CA LEU A 34 1.88 19.04 -20.48
C LEU A 34 1.88 17.65 -21.10
N VAL A 35 1.25 16.67 -20.47
CA VAL A 35 1.21 15.28 -21.02
C VAL A 35 0.51 15.34 -22.39
N TRP A 36 -0.61 16.08 -22.48
CA TRP A 36 -1.44 16.19 -23.70
C TRP A 36 -0.61 16.75 -24.85
N GLN A 37 0.25 17.72 -24.56
CA GLN A 37 1.03 18.52 -25.54
C GLN A 37 2.32 17.80 -25.95
N SER A 38 2.77 16.79 -25.20
CA SER A 38 4.10 16.17 -25.38
C SER A 38 4.01 14.98 -26.34
N SER A 39 4.98 14.86 -27.24
CA SER A 39 5.10 13.70 -28.18
C SER A 39 5.74 12.52 -27.45
N SER A 40 6.68 12.80 -26.57
CA SER A 40 7.56 11.77 -25.97
C SER A 40 7.66 12.02 -24.46
N VAL A 41 6.90 11.25 -23.66
CA VAL A 41 6.90 11.43 -22.18
C VAL A 41 7.73 10.31 -21.54
N VAL A 42 8.69 10.66 -20.69
CA VAL A 42 9.56 9.70 -19.96
C VAL A 42 9.33 9.93 -18.47
N PHE A 43 9.04 8.86 -17.76
CA PHE A 43 8.85 8.86 -16.28
C PHE A 43 10.13 8.34 -15.64
N HIS A 44 10.51 9.02 -14.55
CA HIS A 44 11.64 8.63 -13.68
C HIS A 44 11.10 8.35 -12.28
N THR A 45 11.30 7.15 -11.76
CA THR A 45 10.71 6.76 -10.45
C THR A 45 11.81 6.39 -9.47
N GLY A 46 11.61 6.75 -8.22
CA GLY A 46 12.42 6.24 -7.12
C GLY A 46 11.56 5.81 -5.96
N ALA A 47 12.23 5.70 -4.81
CA ALA A 47 11.72 4.90 -3.67
C ALA A 47 10.38 5.48 -3.22
N GLY A 48 10.13 6.79 -3.41
CA GLY A 48 8.88 7.45 -2.96
C GLY A 48 7.62 6.82 -3.59
N ILE A 49 7.71 6.17 -4.74
CA ILE A 49 6.49 5.56 -5.36
C ILE A 49 6.12 4.22 -4.70
N SER A 50 6.85 3.72 -3.68
CA SER A 50 6.59 2.39 -3.08
C SER A 50 6.30 2.53 -1.58
N THR A 51 6.45 3.75 -1.04
CA THR A 51 6.20 4.03 0.40
C THR A 51 4.77 3.65 0.73
N ALA A 52 3.80 3.93 -0.16
CA ALA A 52 2.34 3.61 0.06
C ALA A 52 2.03 2.10 -0.05
N SER A 53 2.98 1.25 -0.46
CA SER A 53 2.91 -0.23 -0.31
C SER A 53 3.67 -0.80 0.91
N GLY A 54 4.20 0.05 1.78
CA GLY A 54 4.89 -0.32 3.04
C GLY A 54 6.40 -0.49 2.90
N ILE A 55 6.99 -0.13 1.76
CA ILE A 55 8.47 -0.17 1.60
C ILE A 55 9.03 1.21 1.91
N PRO A 56 9.90 1.36 2.93
CA PRO A 56 10.39 2.69 3.33
C PRO A 56 11.26 3.24 2.18
N ASP A 57 11.33 4.55 2.04
CA ASP A 57 12.30 5.14 1.08
C ASP A 57 13.68 5.23 1.76
N PHE A 58 14.62 5.92 1.14
CA PHE A 58 16.01 6.07 1.65
C PHE A 58 16.19 7.36 2.47
N ARG A 59 15.62 8.48 2.00
CA ARG A 59 16.05 9.84 2.40
C ARG A 59 14.86 10.67 2.87
N GLY A 60 13.68 10.05 2.94
CA GLY A 60 12.49 10.67 3.55
C GLY A 60 12.58 10.71 5.08
N PRO A 61 11.60 11.32 5.79
CA PRO A 61 11.68 11.48 7.24
C PRO A 61 12.00 10.15 7.96
N HIS A 62 11.40 9.03 7.49
CA HIS A 62 11.62 7.69 8.08
C HIS A 62 12.37 6.79 7.09
N GLY A 63 13.17 7.39 6.23
CA GLY A 63 13.91 6.60 5.24
C GLY A 63 15.00 5.72 5.84
N VAL A 64 15.47 4.74 5.06
CA VAL A 64 16.58 3.82 5.46
C VAL A 64 17.79 4.65 5.93
N TRP A 65 18.32 5.54 5.09
CA TRP A 65 19.55 6.32 5.42
C TRP A 65 19.25 7.35 6.51
N THR A 66 18.09 8.01 6.44
CA THR A 66 17.69 9.00 7.47
C THR A 66 17.67 8.32 8.87
N MET A 67 16.98 7.21 9.02
CA MET A 67 16.85 6.52 10.32
C MET A 67 18.22 6.02 10.80
N GLU A 68 19.06 5.48 9.91
CA GLU A 68 20.44 5.05 10.27
C GLU A 68 21.20 6.24 10.85
N GLU A 69 21.05 7.43 10.25
CA GLU A 69 21.73 8.66 10.72
C GLU A 69 21.29 8.98 12.15
N ARG A 70 20.03 8.67 12.51
CA ARG A 70 19.47 9.01 13.84
C ARG A 70 19.59 7.81 14.78
N GLY A 71 20.28 6.75 14.39
CA GLY A 71 20.47 5.57 15.26
C GLY A 71 19.19 4.73 15.34
N LEU A 72 18.29 4.86 14.36
CA LEU A 72 17.02 4.11 14.36
C LEU A 72 16.98 3.19 13.15
N ALA A 73 15.89 2.43 12.99
CA ALA A 73 15.79 1.38 11.96
C ALA A 73 14.66 1.75 11.02
N PRO A 74 14.79 1.54 9.69
CA PRO A 74 13.67 1.72 8.78
C PRO A 74 12.64 0.65 9.15
N LYS A 75 11.39 0.88 8.73
CA LYS A 75 10.29 -0.04 9.07
C LYS A 75 9.66 -0.51 7.76
N PHE A 76 9.55 -1.82 7.59
CA PHE A 76 8.84 -2.42 6.43
C PHE A 76 7.48 -2.86 6.92
N ASP A 77 6.42 -2.48 6.20
CA ASP A 77 5.04 -2.93 6.50
C ASP A 77 4.65 -4.09 5.57
N THR A 78 5.59 -4.58 4.78
CA THR A 78 5.43 -5.72 3.84
C THR A 78 6.77 -6.42 3.65
N THR A 79 6.74 -7.67 3.20
CA THR A 79 7.94 -8.29 2.57
C THR A 79 8.00 -7.75 1.15
N PHE A 80 9.13 -7.93 0.48
CA PHE A 80 9.17 -7.56 -0.95
C PHE A 80 8.23 -8.46 -1.73
N GLU A 81 8.09 -9.75 -1.32
CA GLU A 81 7.25 -10.69 -2.09
C GLU A 81 5.76 -10.37 -1.94
N SER A 82 5.35 -9.84 -0.81
CA SER A 82 3.92 -9.56 -0.50
C SER A 82 3.51 -8.13 -0.85
N ALA A 83 4.44 -7.32 -1.32
CA ALA A 83 4.22 -5.90 -1.63
C ALA A 83 3.31 -5.80 -2.87
N ARG A 84 2.32 -4.92 -2.84
CA ARG A 84 1.44 -4.72 -4.02
C ARG A 84 1.87 -3.44 -4.72
N PRO A 85 1.92 -3.45 -6.08
CA PRO A 85 2.09 -2.24 -6.86
C PRO A 85 1.05 -1.22 -6.38
N THR A 86 1.49 0.02 -6.27
CA THR A 86 0.68 1.20 -5.84
C THR A 86 -0.20 1.63 -7.00
N GLN A 87 -1.14 2.53 -6.69
CA GLN A 87 -1.99 3.23 -7.65
C GLN A 87 -1.04 3.84 -8.68
N THR A 88 0.07 4.40 -8.21
CA THR A 88 1.10 5.04 -9.08
C THR A 88 1.69 3.99 -10.02
N HIS A 89 2.22 2.88 -9.51
CA HIS A 89 2.70 1.77 -10.37
C HIS A 89 1.64 1.44 -11.43
N MET A 90 0.39 1.21 -11.04
CA MET A 90 -0.63 0.76 -12.04
C MET A 90 -1.03 1.88 -13.02
N ALA A 91 -1.01 3.14 -12.58
CA ALA A 91 -1.22 4.32 -13.44
C ALA A 91 -0.15 4.24 -14.55
N LEU A 92 1.08 3.93 -14.20
CA LEU A 92 2.22 3.95 -15.19
C LEU A 92 2.02 2.84 -16.21
N VAL A 93 1.56 1.66 -15.76
CA VAL A 93 1.17 0.52 -16.64
C VAL A 93 0.19 1.06 -17.71
N GLN A 94 -0.88 1.74 -17.28
CA GLN A 94 -1.96 2.20 -18.16
C GLN A 94 -1.42 3.22 -19.15
N LEU A 95 -0.57 4.15 -18.68
CA LEU A 95 -0.02 5.30 -19.47
C LEU A 95 0.86 4.71 -20.57
N GLU A 96 1.61 3.68 -20.26
CA GLU A 96 2.37 2.96 -21.31
C GLU A 96 1.35 2.31 -22.27
N ARG A 97 0.33 1.64 -21.75
CA ARG A 97 -0.59 0.84 -22.60
C ARG A 97 -1.28 1.72 -23.65
N VAL A 98 -1.72 2.93 -23.28
CA VAL A 98 -2.51 3.85 -24.16
C VAL A 98 -1.55 4.77 -24.92
N GLY A 99 -0.23 4.59 -24.74
CA GLY A 99 0.79 5.23 -25.59
C GLY A 99 1.21 6.62 -25.13
N LEU A 100 0.90 7.02 -23.89
CA LEU A 100 1.29 8.33 -23.30
C LEU A 100 2.60 8.25 -22.48
N LEU A 101 3.21 7.08 -22.40
CA LEU A 101 4.52 6.91 -21.73
C LEU A 101 5.45 6.21 -22.72
N ARG A 102 6.51 6.89 -23.14
CA ARG A 102 7.54 6.35 -24.08
C ARG A 102 8.50 5.42 -23.35
N PHE A 103 8.93 5.77 -22.16
CA PHE A 103 9.92 4.94 -21.42
C PHE A 103 9.84 5.29 -19.93
N LEU A 104 10.27 4.33 -19.13
CA LEU A 104 10.24 4.40 -17.66
C LEU A 104 11.63 4.06 -17.14
N VAL A 105 12.21 5.03 -16.44
CA VAL A 105 13.55 4.91 -15.80
C VAL A 105 13.37 4.84 -14.29
N SER A 106 13.84 3.76 -13.68
CA SER A 106 13.68 3.52 -12.23
C SER A 106 15.01 3.21 -11.56
N GLN A 107 15.17 3.83 -10.39
CA GLN A 107 16.24 3.54 -9.42
C GLN A 107 15.79 2.44 -8.46
N ASN A 108 14.54 2.01 -8.49
CA ASN A 108 14.00 1.07 -7.49
C ASN A 108 14.51 -0.36 -7.76
N VAL A 109 14.87 -1.07 -6.70
CA VAL A 109 15.25 -2.51 -6.76
C VAL A 109 14.07 -3.36 -6.27
N ASP A 110 12.98 -2.73 -5.85
CA ASP A 110 11.84 -3.47 -5.20
C ASP A 110 11.08 -4.43 -6.19
N GLY A 111 11.38 -4.49 -7.48
CA GLY A 111 10.74 -5.45 -8.42
C GLY A 111 9.30 -5.12 -8.79
N LEU A 112 8.76 -3.99 -8.31
CA LEU A 112 7.31 -3.69 -8.38
C LEU A 112 6.90 -3.28 -9.80
N HIS A 113 7.73 -2.57 -10.57
CA HIS A 113 7.33 -2.22 -11.96
C HIS A 113 7.19 -3.52 -12.78
N VAL A 114 8.17 -4.38 -12.71
CA VAL A 114 8.11 -5.71 -13.41
C VAL A 114 6.84 -6.43 -12.97
N ARG A 115 6.68 -6.58 -11.65
CA ARG A 115 5.59 -7.41 -11.08
C ARG A 115 4.22 -6.81 -11.41
N SER A 116 4.11 -5.49 -11.62
CA SER A 116 2.87 -4.78 -12.05
C SER A 116 2.48 -5.12 -13.50
N GLY A 117 3.34 -5.81 -14.28
CA GLY A 117 3.04 -6.19 -15.68
C GLY A 117 3.57 -5.14 -16.65
N PHE A 118 4.45 -4.23 -16.19
CA PHE A 118 4.98 -3.13 -17.00
C PHE A 118 5.98 -3.77 -17.96
N PRO A 119 5.96 -3.45 -19.28
CA PRO A 119 6.82 -4.11 -20.27
C PRO A 119 8.30 -3.77 -20.04
N ARG A 120 9.11 -4.82 -19.96
CA ARG A 120 10.54 -4.77 -19.60
C ARG A 120 11.31 -4.02 -20.70
N ASP A 121 10.84 -4.09 -21.96
CA ASP A 121 11.54 -3.39 -23.08
C ASP A 121 11.29 -1.87 -23.03
N LYS A 122 10.41 -1.37 -22.16
CA LYS A 122 10.24 0.10 -21.95
C LYS A 122 10.65 0.51 -20.53
N LEU A 123 11.39 -0.34 -19.83
CA LEU A 123 11.83 -0.12 -18.44
C LEU A 123 13.36 -0.19 -18.32
N ALA A 124 13.99 0.82 -17.74
CA ALA A 124 15.40 0.74 -17.30
C ALA A 124 15.42 0.59 -15.78
N GLU A 125 15.98 -0.51 -15.30
CA GLU A 125 16.13 -0.81 -13.85
C GLU A 125 17.58 -0.46 -13.49
N LEU A 126 17.83 0.82 -13.28
CA LEU A 126 19.22 1.36 -13.25
C LEU A 126 20.03 0.75 -12.09
N HIS A 127 19.40 0.34 -10.97
CA HIS A 127 20.09 -0.12 -9.73
C HIS A 127 19.88 -1.62 -9.52
N GLY A 128 19.11 -2.25 -10.39
CA GLY A 128 18.87 -3.69 -10.30
C GLY A 128 17.44 -4.02 -9.87
N ASN A 129 17.16 -5.31 -9.74
CA ASN A 129 15.85 -5.82 -9.29
C ASN A 129 16.14 -6.99 -8.36
N MET A 130 15.56 -6.96 -7.15
CA MET A 130 15.84 -7.98 -6.12
C MET A 130 15.35 -9.35 -6.57
N PHE A 131 14.38 -9.42 -7.50
CA PHE A 131 13.80 -10.70 -7.98
C PHE A 131 14.52 -11.18 -9.23
N VAL A 132 15.50 -10.44 -9.72
CA VAL A 132 16.13 -10.77 -11.02
C VAL A 132 17.57 -11.23 -10.82
N GLU A 133 17.90 -12.40 -11.36
CA GLU A 133 19.29 -12.93 -11.40
C GLU A 133 19.69 -13.11 -12.85
N GLU A 134 20.99 -13.02 -13.12
CA GLU A 134 21.53 -12.96 -14.50
C GLU A 134 22.69 -13.96 -14.64
N CYS A 135 22.71 -14.71 -15.74
CA CYS A 135 23.79 -15.67 -16.06
C CYS A 135 25.03 -14.88 -16.47
N ALA A 136 26.15 -15.08 -15.78
CA ALA A 136 27.42 -14.41 -16.11
C ALA A 136 27.86 -14.78 -17.54
N LYS A 137 27.63 -16.03 -17.96
CA LYS A 137 28.08 -16.51 -19.29
C LYS A 137 27.22 -15.92 -20.41
N CYS A 138 25.89 -16.16 -20.42
CA CYS A 138 25.06 -15.81 -21.59
C CYS A 138 24.19 -14.57 -21.35
N LYS A 139 24.25 -13.96 -20.16
CA LYS A 139 23.53 -12.70 -19.80
C LYS A 139 22.03 -12.94 -19.72
N THR A 140 21.56 -14.19 -19.85
CA THR A 140 20.11 -14.51 -19.76
C THR A 140 19.65 -14.13 -18.36
N GLN A 141 18.59 -13.33 -18.27
CA GLN A 141 17.98 -12.91 -16.99
C GLN A 141 16.86 -13.89 -16.63
N TYR A 142 16.68 -14.10 -15.34
CA TYR A 142 15.58 -14.88 -14.77
C TYR A 142 14.85 -13.95 -13.81
N VAL A 143 13.54 -13.81 -14.03
CA VAL A 143 12.66 -13.01 -13.13
C VAL A 143 11.97 -14.01 -12.21
N ARG A 144 12.41 -14.06 -10.95
CA ARG A 144 11.98 -15.02 -9.92
C ARG A 144 10.75 -14.50 -9.18
N ASP A 145 9.98 -15.44 -8.64
CA ASP A 145 8.79 -15.18 -7.77
C ASP A 145 9.21 -14.82 -6.34
N THR A 146 10.49 -14.97 -5.97
CA THR A 146 10.99 -14.63 -4.61
C THR A 146 12.27 -13.85 -4.78
N VAL A 147 12.63 -13.07 -3.76
CA VAL A 147 13.83 -12.20 -3.87
C VAL A 147 15.05 -13.10 -4.04
N VAL A 148 15.95 -12.71 -4.92
CA VAL A 148 17.29 -13.33 -5.02
C VAL A 148 18.04 -13.00 -3.72
N GLY A 149 18.60 -14.01 -3.05
CA GLY A 149 19.04 -13.94 -1.65
C GLY A 149 20.33 -13.15 -1.45
N THR A 150 20.96 -12.68 -2.54
CA THR A 150 22.26 -11.97 -2.48
C THR A 150 22.11 -10.55 -3.02
N MET A 151 23.11 -9.72 -2.74
CA MET A 151 23.24 -8.36 -3.30
C MET A 151 24.70 -8.11 -3.65
N GLY A 152 24.99 -7.16 -4.52
CA GLY A 152 26.36 -6.81 -4.95
C GLY A 152 26.87 -7.65 -6.12
N LEU A 153 25.96 -8.27 -6.87
CA LEU A 153 26.27 -9.04 -8.12
C LEU A 153 27.03 -10.33 -7.76
N LYS A 154 26.62 -11.00 -6.67
CA LYS A 154 27.25 -12.25 -6.17
C LYS A 154 26.54 -13.46 -6.78
N ALA A 155 27.21 -14.61 -6.81
CA ALA A 155 26.62 -15.90 -7.23
C ALA A 155 25.47 -16.23 -6.27
N THR A 156 24.29 -16.53 -6.82
CA THR A 156 23.10 -16.89 -6.01
C THR A 156 23.16 -18.34 -5.54
N GLY A 157 23.95 -19.16 -6.23
CA GLY A 157 24.03 -20.62 -6.00
C GLY A 157 23.31 -21.41 -7.09
N ARG A 158 22.52 -20.75 -7.94
CA ARG A 158 21.77 -21.39 -9.05
C ARG A 158 22.54 -21.29 -10.37
N LEU A 159 22.19 -22.15 -11.31
CA LEU A 159 22.88 -22.31 -12.62
C LEU A 159 21.89 -22.03 -13.74
N CYS A 160 22.43 -21.56 -14.86
CA CYS A 160 21.65 -21.19 -16.06
C CYS A 160 21.08 -22.46 -16.70
N THR A 161 19.84 -22.37 -17.21
CA THR A 161 19.04 -23.51 -17.73
C THR A 161 18.84 -23.40 -19.24
N VAL A 162 19.43 -22.39 -19.89
CA VAL A 162 19.25 -22.15 -21.36
C VAL A 162 19.72 -23.39 -22.14
N ALA A 163 18.95 -23.79 -23.16
CA ALA A 163 19.08 -25.06 -23.91
C ALA A 163 20.55 -25.37 -24.24
N CYS A 171 24.07 -24.35 -20.76
CA CYS A 171 24.93 -23.22 -20.34
C CYS A 171 25.53 -23.48 -18.96
N ARG A 172 24.68 -23.85 -17.98
CA ARG A 172 25.07 -24.13 -16.58
C ARG A 172 25.93 -22.98 -16.03
N GLY A 173 25.83 -21.80 -16.64
CA GLY A 173 26.51 -20.59 -16.17
C GLY A 173 26.05 -20.20 -14.78
N GLU A 174 26.92 -19.52 -14.03
CA GLU A 174 26.67 -19.02 -12.66
C GLU A 174 25.61 -17.92 -12.72
N LEU A 175 24.48 -18.09 -12.03
CA LEU A 175 23.49 -16.99 -11.86
C LEU A 175 23.99 -16.04 -10.77
N ARG A 176 23.88 -14.74 -11.03
CA ARG A 176 24.25 -13.67 -10.09
C ARG A 176 23.07 -12.73 -9.90
N ASP A 177 22.96 -12.11 -8.72
CA ASP A 177 21.96 -11.04 -8.49
C ASP A 177 22.31 -9.83 -9.38
N THR A 178 21.39 -8.88 -9.49
CA THR A 178 21.58 -7.68 -10.32
C THR A 178 21.62 -6.45 -9.43
N ILE A 179 21.82 -6.63 -8.12
CA ILE A 179 21.78 -5.49 -7.15
C ILE A 179 23.17 -4.85 -7.04
N LEU A 180 23.33 -3.69 -7.68
CA LEU A 180 24.56 -2.86 -7.62
C LEU A 180 24.93 -2.57 -6.16
N ASP A 181 26.21 -2.75 -5.80
CA ASP A 181 26.79 -2.16 -4.57
C ASP A 181 27.29 -0.76 -4.92
N TRP A 182 27.76 0.01 -3.93
CA TRP A 182 28.21 1.41 -4.08
C TRP A 182 29.24 1.57 -5.22
N GLU A 183 30.18 0.62 -5.37
CA GLU A 183 31.31 0.79 -6.33
C GLU A 183 30.91 0.35 -7.75
N ASP A 184 29.79 -0.38 -7.90
CA ASP A 184 29.39 -1.00 -9.18
C ASP A 184 28.82 0.07 -10.13
N SER A 185 29.32 0.12 -11.35
CA SER A 185 28.77 0.99 -12.42
C SER A 185 27.41 0.44 -12.84
N LEU A 186 26.57 1.31 -13.39
CA LEU A 186 25.19 0.97 -13.85
C LEU A 186 25.22 -0.02 -15.01
N PRO A 187 24.19 -0.87 -15.18
CA PRO A 187 24.06 -1.72 -16.36
C PRO A 187 24.10 -0.88 -17.64
N ASP A 188 25.03 -1.20 -18.55
CA ASP A 188 25.34 -0.43 -19.77
C ASP A 188 24.08 -0.32 -20.65
N ARG A 189 23.38 -1.44 -20.84
CA ARG A 189 22.15 -1.51 -21.66
C ARG A 189 21.07 -0.59 -21.05
N ASP A 190 20.79 -0.73 -19.75
CA ASP A 190 19.71 0.04 -19.09
C ASP A 190 20.05 1.54 -19.12
N LEU A 191 21.29 1.93 -18.80
CA LEU A 191 21.67 3.37 -18.76
C LEU A 191 21.59 3.99 -20.16
N ALA A 192 22.14 3.29 -21.16
CA ALA A 192 22.16 3.73 -22.57
C ALA A 192 20.73 3.99 -23.05
N LEU A 193 19.80 3.07 -22.81
CA LEU A 193 18.38 3.21 -23.23
C LEU A 193 17.70 4.35 -22.44
N ALA A 194 17.89 4.41 -21.12
CA ALA A 194 17.40 5.51 -20.26
C ALA A 194 17.94 6.86 -20.74
N ASP A 195 19.21 6.92 -21.12
CA ASP A 195 19.86 8.19 -21.53
C ASP A 195 19.23 8.62 -22.86
N GLU A 196 19.11 7.69 -23.82
CA GLU A 196 18.49 7.96 -25.14
C GLU A 196 17.05 8.45 -24.96
N ALA A 197 16.26 7.73 -24.18
CA ALA A 197 14.86 8.10 -23.88
C ALA A 197 14.78 9.55 -23.37
N SER A 198 15.63 9.90 -22.39
CA SER A 198 15.56 11.17 -21.64
C SER A 198 15.94 12.32 -22.59
N ARG A 199 17.00 12.14 -23.38
CA ARG A 199 17.52 13.15 -24.35
C ARG A 199 16.46 13.44 -25.41
N ASN A 200 15.79 12.40 -25.91
CA ASN A 200 14.74 12.45 -26.96
C ASN A 200 13.39 12.93 -26.41
N ALA A 201 13.13 12.74 -25.10
CA ALA A 201 11.88 13.21 -24.44
C ALA A 201 11.70 14.73 -24.60
N ASP A 202 10.44 15.18 -24.70
CA ASP A 202 10.02 16.60 -24.61
C ASP A 202 9.29 16.80 -23.28
N LEU A 203 9.05 15.73 -22.54
CA LEU A 203 8.58 15.84 -21.15
C LEU A 203 9.17 14.69 -20.32
N SER A 204 9.89 15.04 -19.27
CA SER A 204 10.33 14.11 -18.20
C SER A 204 9.55 14.45 -16.93
N ILE A 205 8.98 13.43 -16.33
CA ILE A 205 8.21 13.53 -15.04
C ILE A 205 8.93 12.64 -14.03
N THR A 206 9.39 13.25 -12.95
CA THR A 206 10.00 12.53 -11.81
C THR A 206 8.93 12.27 -10.72
N LEU A 207 8.91 11.04 -10.22
CA LEU A 207 7.95 10.61 -9.14
C LEU A 207 8.77 10.01 -7.97
N GLY A 208 8.65 10.58 -6.77
CA GLY A 208 9.26 10.03 -5.54
C GLY A 208 10.72 9.65 -5.69
N THR A 209 11.55 10.54 -6.25
CA THR A 209 13.02 10.48 -6.23
C THR A 209 13.58 11.88 -5.87
N SER A 210 14.52 11.90 -4.94
CA SER A 210 15.26 13.11 -4.50
C SER A 210 16.33 13.51 -5.55
N LEU A 211 16.57 12.65 -6.54
CA LEU A 211 17.47 12.93 -7.73
C LEU A 211 18.93 13.20 -7.28
N GLN A 212 19.39 12.55 -6.22
CA GLN A 212 20.70 12.85 -5.57
C GLN A 212 21.79 11.91 -6.12
N ILE A 213 21.42 10.82 -6.81
CA ILE A 213 22.37 9.76 -7.26
C ILE A 213 22.69 10.05 -8.72
N ARG A 214 23.99 10.12 -9.03
CA ARG A 214 24.52 10.25 -10.40
C ARG A 214 24.85 8.87 -10.94
N PRO A 215 24.55 8.57 -12.22
CA PRO A 215 23.93 9.52 -13.15
C PRO A 215 22.39 9.51 -13.17
N SER A 216 21.79 8.55 -12.47
CA SER A 216 20.33 8.31 -12.41
C SER A 216 19.56 9.64 -12.29
N GLY A 217 19.82 10.40 -11.20
CA GLY A 217 19.20 11.70 -10.88
C GLY A 217 19.43 12.79 -11.93
N ASN A 218 20.46 12.69 -12.74
CA ASN A 218 20.76 13.72 -13.78
C ASN A 218 19.96 13.46 -15.06
N LEU A 219 19.52 12.22 -15.31
CA LEU A 219 18.86 11.86 -16.60
C LEU A 219 17.69 12.80 -16.91
N PRO A 220 16.78 13.13 -15.97
CA PRO A 220 15.70 14.07 -16.27
C PRO A 220 16.18 15.42 -16.82
N LEU A 221 17.38 15.87 -16.43
CA LEU A 221 17.95 17.16 -16.92
C LEU A 221 18.20 17.07 -18.42
N ALA A 222 18.53 15.88 -18.93
CA ALA A 222 18.83 15.70 -20.36
C ALA A 222 17.63 16.11 -21.21
N THR A 223 16.41 15.92 -20.72
CA THR A 223 15.17 16.29 -21.44
C THR A 223 15.18 17.81 -21.67
N LYS A 224 15.70 18.58 -20.72
CA LYS A 224 15.67 20.06 -20.78
C LYS A 224 16.51 20.57 -21.97
N ARG A 225 17.50 19.80 -22.41
CA ARG A 225 18.23 20.12 -23.66
C ARG A 225 17.26 19.99 -24.84
N ARG A 226 17.22 21.00 -25.71
CA ARG A 226 16.34 21.05 -26.92
C ARG A 226 14.92 21.41 -26.49
N GLY A 227 14.76 22.11 -25.37
CA GLY A 227 13.49 22.76 -25.00
C GLY A 227 12.52 21.82 -24.33
N GLY A 228 12.97 20.64 -23.89
CA GLY A 228 12.09 19.69 -23.18
C GLY A 228 11.67 20.22 -21.83
N ARG A 229 10.54 19.75 -21.31
CA ARG A 229 10.00 20.24 -20.03
C ARG A 229 10.28 19.20 -18.95
N LEU A 230 10.50 19.66 -17.73
CA LEU A 230 10.75 18.78 -16.57
C LEU A 230 9.71 19.04 -15.50
N VAL A 231 9.06 17.99 -15.06
CA VAL A 231 8.10 18.03 -13.91
C VAL A 231 8.73 17.16 -12.81
N ILE A 232 8.78 17.67 -11.59
CA ILE A 232 9.25 16.94 -10.39
C ILE A 232 8.05 16.78 -9.44
N VAL A 233 7.67 15.55 -9.16
CA VAL A 233 6.61 15.26 -8.15
C VAL A 233 7.37 14.62 -6.98
N ASN A 234 7.35 15.26 -5.81
CA ASN A 234 8.15 14.82 -4.64
C ASN A 234 7.71 15.62 -3.41
N LEU A 235 7.60 14.95 -2.26
CA LEU A 235 7.22 15.58 -0.98
C LEU A 235 8.37 16.48 -0.47
N GLN A 236 9.62 16.05 -0.68
CA GLN A 236 10.83 16.78 -0.20
C GLN A 236 11.41 17.55 -1.38
N PRO A 237 12.30 18.54 -1.11
CA PRO A 237 13.18 19.07 -2.14
C PRO A 237 13.97 17.97 -2.84
N THR A 238 14.33 18.25 -4.10
CA THR A 238 15.18 17.36 -4.92
C THR A 238 16.38 18.17 -5.36
N LYS A 239 17.44 17.45 -5.76
CA LYS A 239 18.72 18.06 -6.18
C LYS A 239 18.46 19.05 -7.32
N HIS A 240 17.52 18.80 -8.22
CA HIS A 240 17.34 19.61 -9.47
C HIS A 240 16.05 20.44 -9.51
N ASP A 241 15.45 20.73 -8.35
CA ASP A 241 14.24 21.58 -8.17
C ASP A 241 14.32 22.87 -9.02
N ARG A 242 15.49 23.52 -9.07
CA ARG A 242 15.71 24.80 -9.81
C ARG A 242 15.39 24.64 -11.29
N HIS A 243 15.64 23.46 -11.88
CA HIS A 243 15.53 23.22 -13.33
C HIS A 243 14.13 22.76 -13.73
N ALA A 244 13.23 22.55 -12.76
CA ALA A 244 11.87 22.03 -13.00
C ALA A 244 10.98 23.16 -13.53
N ASP A 245 10.20 22.84 -14.55
CA ASP A 245 9.18 23.78 -15.08
C ASP A 245 7.99 23.72 -14.13
N LEU A 246 7.88 22.61 -13.41
CA LEU A 246 6.74 22.37 -12.49
C LEU A 246 7.21 21.44 -11.37
N ARG A 247 6.92 21.83 -10.14
CA ARG A 247 7.21 21.04 -8.93
C ARG A 247 5.86 20.87 -8.26
N ILE A 248 5.50 19.63 -8.01
CA ILE A 248 4.26 19.27 -7.28
C ILE A 248 4.65 18.57 -6.00
N HIS A 249 4.32 19.20 -4.88
CA HIS A 249 4.59 18.69 -3.51
C HIS A 249 3.32 18.06 -2.96
N GLY A 250 3.17 16.75 -3.16
CA GLY A 250 1.99 15.98 -2.70
C GLY A 250 2.27 14.48 -2.77
N TYR A 251 1.39 13.66 -2.25
CA TYR A 251 1.53 12.18 -2.37
C TYR A 251 1.41 11.78 -3.85
N VAL A 252 2.34 10.94 -4.32
CA VAL A 252 2.41 10.59 -5.75
C VAL A 252 1.13 9.84 -6.15
N ASP A 253 0.46 9.10 -5.24
CA ASP A 253 -0.83 8.42 -5.56
C ASP A 253 -1.95 9.45 -5.79
N GLU A 254 -2.02 10.53 -5.01
CA GLU A 254 -3.01 11.62 -5.18
C GLU A 254 -2.76 12.32 -6.51
N VAL A 255 -1.49 12.55 -6.83
CA VAL A 255 -1.13 13.28 -8.09
C VAL A 255 -1.56 12.40 -9.25
N MET A 256 -1.16 11.15 -9.21
CA MET A 256 -1.37 10.22 -10.35
C MET A 256 -2.86 9.89 -10.47
N THR A 257 -3.63 9.69 -9.38
CA THR A 257 -5.07 9.39 -9.54
C THR A 257 -5.78 10.59 -10.16
N ARG A 258 -5.48 11.79 -9.68
CA ARG A 258 -6.06 13.04 -10.21
C ARG A 258 -5.66 13.19 -11.69
N LEU A 259 -4.40 12.96 -12.06
CA LEU A 259 -3.91 13.05 -13.45
C LEU A 259 -4.72 12.12 -14.35
N MET A 260 -4.83 10.87 -13.94
CA MET A 260 -5.52 9.80 -14.72
C MET A 260 -6.97 10.25 -14.94
N LYS A 261 -7.62 10.73 -13.88
CA LYS A 261 -8.99 11.29 -13.97
C LYS A 261 -9.03 12.38 -15.05
N HIS A 262 -8.05 13.32 -15.08
CA HIS A 262 -7.98 14.41 -16.07
C HIS A 262 -7.77 13.85 -17.49
N LEU A 263 -6.94 12.81 -17.63
CA LEU A 263 -6.65 12.17 -18.93
C LEU A 263 -7.81 11.27 -19.36
N GLY A 264 -8.79 11.01 -18.49
CA GLY A 264 -9.93 10.14 -18.82
C GLY A 264 -9.57 8.68 -18.84
N LEU A 265 -8.57 8.27 -18.04
CA LEU A 265 -8.04 6.89 -17.97
C LEU A 265 -8.42 6.24 -16.64
N GLU A 266 -8.75 4.95 -16.68
CA GLU A 266 -8.93 4.14 -15.47
C GLU A 266 -7.56 3.62 -15.08
N ILE A 267 -7.37 3.36 -13.81
CA ILE A 267 -6.15 2.69 -13.30
C ILE A 267 -6.47 1.21 -13.26
N PRO A 268 -5.76 0.38 -14.05
CA PRO A 268 -6.05 -1.05 -14.17
C PRO A 268 -5.86 -1.88 -12.90
N ALA A 269 -6.61 -2.98 -12.84
CA ALA A 269 -6.57 -3.98 -11.76
C ALA A 269 -5.20 -4.66 -11.79
N TRP A 270 -4.66 -4.97 -10.63
CA TRP A 270 -3.46 -5.83 -10.52
C TRP A 270 -3.90 -7.25 -10.22
N ASP A 271 -3.66 -8.16 -11.17
CA ASP A 271 -4.05 -9.60 -11.13
C ASP A 271 -3.03 -10.42 -10.34
N GLY A 272 -2.07 -9.76 -9.68
CA GLY A 272 -0.94 -10.44 -9.03
C GLY A 272 0.32 -10.37 -9.89
N PRO A 273 1.45 -10.95 -9.41
CA PRO A 273 2.75 -10.80 -10.08
C PRO A 273 2.72 -11.40 -11.48
N ARG A 274 3.06 -10.61 -12.49
CA ARG A 274 2.99 -10.98 -13.92
C ARG A 274 4.14 -10.27 -14.62
N VAL A 275 4.84 -11.00 -15.45
CA VAL A 275 6.05 -10.50 -16.17
C VAL A 275 5.68 -10.33 -17.63
N LEU A 276 5.84 -9.11 -18.16
CA LEU A 276 5.62 -8.77 -19.59
C LEU A 276 6.96 -8.36 -20.17
N GLU A 277 7.50 -9.16 -21.10
CA GLU A 277 8.80 -8.87 -21.77
C GLU A 277 8.71 -7.65 -22.69
N ARG A 278 7.69 -7.55 -23.54
CA ARG A 278 7.64 -6.52 -24.61
C ARG A 278 6.30 -5.78 -24.63
N ALA A 279 6.38 -4.47 -24.87
CA ALA A 279 5.26 -3.52 -25.06
C ALA A 279 4.52 -3.89 -26.34
N LEU A 280 3.20 -3.69 -26.29
CA LEU A 280 2.26 -3.83 -27.43
C LEU A 280 2.06 -2.48 -28.09
N PRO A 281 1.46 -2.44 -29.29
CA PRO A 281 0.96 -1.19 -29.85
C PRO A 281 -0.01 -0.55 -28.87
N PRO A 282 -0.15 0.78 -28.90
CA PRO A 282 -1.01 1.47 -27.94
C PRO A 282 -2.46 1.03 -28.05
N LEU A 283 -3.11 0.92 -26.89
CA LEU A 283 -4.56 0.75 -26.83
C LEU A 283 -5.21 2.08 -27.18
N PRO A 284 -6.51 2.08 -27.55
CA PRO A 284 -7.28 3.31 -27.81
C PRO A 284 -7.19 4.25 -26.59
N ARG A 285 -7.18 5.56 -26.82
CA ARG A 285 -7.23 6.49 -25.67
C ARG A 285 -8.12 7.69 -26.02
N PRO A 286 -8.56 8.44 -25.00
CA PRO A 286 -9.49 9.55 -25.23
C PRO A 286 -8.92 10.55 -26.22
N PRO A 287 -9.80 11.22 -27.01
CA PRO A 287 -9.36 12.34 -27.83
C PRO A 287 -8.81 13.41 -26.88
N THR A 288 -7.90 14.22 -27.40
CA THR A 288 -7.18 15.29 -26.67
C THR A 288 -8.03 16.55 -26.55
N PRO A 289 -7.97 17.29 -25.40
CA PRO A 289 -8.64 18.57 -25.33
C PRO A 289 -8.00 19.62 -26.23
N LYS A 290 -8.79 20.62 -26.62
CA LYS A 290 -8.29 21.87 -27.20
C LYS A 290 -7.66 22.68 -26.06
N LEU A 291 -6.39 23.04 -26.20
CA LEU A 291 -5.63 23.64 -25.07
C LEU A 291 -5.63 25.17 -25.16
N GLU A 292 -4.96 25.74 -26.17
CA GLU A 292 -4.79 27.22 -26.29
C GLU A 292 -6.05 27.81 -26.94
N LYS B 9 -1.74 5.01 27.15
CA LYS B 9 -1.53 4.63 25.71
C LYS B 9 -0.96 3.21 25.60
N GLY B 10 -0.78 2.52 26.74
CA GLY B 10 -0.48 1.08 26.81
C GLY B 10 0.97 0.77 26.48
N LYS B 11 1.27 -0.50 26.20
CA LYS B 11 2.64 -0.97 25.85
C LYS B 11 2.93 -0.65 24.38
N CYS B 12 3.96 0.17 24.15
CA CYS B 12 4.30 0.76 22.83
C CYS B 12 5.69 0.28 22.41
N GLY B 13 5.82 -0.12 21.14
CA GLY B 13 7.13 -0.42 20.51
C GLY B 13 7.75 -1.72 21.00
N LEU B 14 6.95 -2.71 21.41
CA LEU B 14 7.45 -4.08 21.72
C LEU B 14 8.12 -4.66 20.49
N PRO B 15 9.11 -5.57 20.65
CA PRO B 15 9.74 -6.22 19.51
C PRO B 15 8.74 -6.98 18.64
N GLU B 16 8.95 -6.97 17.33
CA GLU B 16 8.17 -7.81 16.38
C GLU B 16 8.67 -9.24 16.44
N ILE B 17 7.77 -10.17 16.18
CA ILE B 17 8.05 -11.62 16.13
C ILE B 17 7.75 -12.05 14.68
N PHE B 18 8.67 -12.77 14.05
CA PHE B 18 8.51 -13.34 12.69
C PHE B 18 8.58 -14.87 12.79
N ASP B 19 7.44 -15.54 12.57
CA ASP B 19 7.40 -17.01 12.41
C ASP B 19 8.26 -17.37 11.22
N PRO B 20 9.20 -18.34 11.36
CA PRO B 20 9.99 -18.80 10.23
C PRO B 20 9.05 -19.37 9.16
N PRO B 21 9.46 -19.36 7.87
CA PRO B 21 8.58 -19.72 6.76
C PRO B 21 7.82 -21.06 6.85
N GLU B 22 8.48 -22.12 7.30
CA GLU B 22 7.82 -23.44 7.39
C GLU B 22 6.71 -23.37 8.44
N GLU B 23 6.98 -22.71 9.58
CA GLU B 23 6.00 -22.59 10.68
C GLU B 23 4.83 -21.74 10.21
N LEU B 24 5.11 -20.63 9.56
CA LEU B 24 4.08 -19.70 9.04
C LEU B 24 3.18 -20.48 8.09
N GLU B 25 3.77 -21.25 7.17
CA GLU B 25 2.98 -22.02 6.18
C GLU B 25 2.07 -23.00 6.90
N ARG B 26 2.58 -23.68 7.93
CA ARG B 26 1.80 -24.70 8.69
C ARG B 26 0.65 -24.00 9.42
N LYS B 27 0.93 -22.85 10.03
CA LYS B 27 -0.11 -22.13 10.81
C LYS B 27 -1.22 -21.62 9.89
N VAL B 28 -0.90 -21.16 8.69
CA VAL B 28 -1.93 -20.59 7.76
C VAL B 28 -2.78 -21.77 7.26
N TRP B 29 -2.19 -22.95 7.10
CA TRP B 29 -2.99 -24.15 6.77
C TRP B 29 -3.93 -24.48 7.93
N GLU B 30 -3.48 -24.35 9.17
CA GLU B 30 -4.32 -24.65 10.35
C GLU B 30 -5.45 -23.63 10.40
N LEU B 31 -5.16 -22.38 10.06
CA LEU B 31 -6.16 -21.28 10.04
C LEU B 31 -7.25 -21.61 8.99
N ALA B 32 -6.84 -22.04 7.79
CA ALA B 32 -7.75 -22.50 6.72
C ALA B 32 -8.62 -23.65 7.25
N ARG B 33 -8.00 -24.64 7.93
CA ARG B 33 -8.74 -25.78 8.55
C ARG B 33 -9.80 -25.21 9.50
N LEU B 34 -9.42 -24.25 10.35
CA LEU B 34 -10.34 -23.68 11.37
C LEU B 34 -11.49 -22.95 10.69
N VAL B 35 -11.21 -22.14 9.66
CA VAL B 35 -12.26 -21.42 8.89
C VAL B 35 -13.22 -22.45 8.30
N TRP B 36 -12.69 -23.49 7.65
CA TRP B 36 -13.48 -24.58 7.02
C TRP B 36 -14.43 -25.20 8.05
N GLN B 37 -13.95 -25.45 9.27
CA GLN B 37 -14.69 -26.20 10.32
C GLN B 37 -15.66 -25.31 11.09
N SER B 38 -15.53 -23.98 10.97
CA SER B 38 -16.31 -23.00 11.78
C SER B 38 -17.63 -22.65 11.10
N SER B 39 -18.73 -22.64 11.87
CA SER B 39 -20.07 -22.20 11.42
C SER B 39 -20.12 -20.67 11.34
N SER B 40 -19.51 -20.00 12.30
CA SER B 40 -19.66 -18.54 12.50
C SER B 40 -18.28 -17.92 12.76
N VAL B 41 -17.75 -17.22 11.76
CA VAL B 41 -16.39 -16.62 11.84
C VAL B 41 -16.53 -15.09 11.95
N VAL B 42 -15.90 -14.53 12.97
CA VAL B 42 -15.85 -13.07 13.24
C VAL B 42 -14.40 -12.63 13.18
N PHE B 43 -14.17 -11.57 12.41
CA PHE B 43 -12.85 -10.94 12.26
C PHE B 43 -12.86 -9.66 13.08
N HIS B 44 -11.74 -9.44 13.74
CA HIS B 44 -11.46 -8.21 14.50
C HIS B 44 -10.23 -7.56 13.89
N THR B 45 -10.34 -6.31 13.48
CA THR B 45 -9.22 -5.62 12.80
C THR B 45 -8.83 -4.36 13.59
N GLY B 46 -7.54 -4.08 13.60
CA GLY B 46 -6.94 -2.85 14.11
C GLY B 46 -5.98 -2.29 13.08
N ALA B 47 -5.18 -1.33 13.54
CA ALA B 47 -4.38 -0.41 12.71
C ALA B 47 -3.35 -1.18 11.87
N GLY B 48 -2.97 -2.38 12.33
CA GLY B 48 -2.00 -3.28 11.65
C GLY B 48 -2.39 -3.60 10.21
N ILE B 49 -3.68 -3.62 9.90
CA ILE B 49 -4.15 -4.04 8.54
C ILE B 49 -4.11 -2.84 7.59
N SER B 50 -3.69 -1.66 8.01
CA SER B 50 -3.66 -0.47 7.12
C SER B 50 -2.25 0.06 6.95
N THR B 51 -1.29 -0.56 7.65
CA THR B 51 0.12 -0.11 7.62
C THR B 51 0.67 -0.30 6.22
N ALA B 52 0.29 -1.40 5.53
CA ALA B 52 0.73 -1.67 4.13
C ALA B 52 0.06 -0.73 3.10
N SER B 53 -0.91 0.11 3.44
CA SER B 53 -1.36 1.24 2.57
C SER B 53 -0.77 2.62 2.96
N GLY B 54 0.23 2.65 3.84
CA GLY B 54 0.91 3.88 4.28
C GLY B 54 0.29 4.58 5.47
N ILE B 55 -0.70 3.99 6.16
CA ILE B 55 -1.20 4.56 7.45
C ILE B 55 -0.49 3.91 8.64
N PRO B 56 0.20 4.68 9.52
CA PRO B 56 1.01 4.11 10.57
C PRO B 56 0.03 3.50 11.58
N ASP B 57 0.48 2.55 12.38
CA ASP B 57 -0.34 2.07 13.52
C ASP B 57 -0.04 2.96 14.72
N PHE B 58 -0.46 2.53 15.91
CA PHE B 58 -0.35 3.29 17.18
C PHE B 58 0.86 2.77 17.99
N ARG B 59 1.03 1.45 18.08
CA ARG B 59 1.89 0.79 19.12
C ARG B 59 3.04 -0.03 18.49
N GLY B 60 3.10 -0.13 17.15
CA GLY B 60 4.20 -0.77 16.43
C GLY B 60 5.52 -0.01 16.60
N PRO B 61 6.64 -0.51 16.03
CA PRO B 61 7.93 0.15 16.12
C PRO B 61 7.88 1.64 15.70
N HIS B 62 7.11 1.98 14.66
CA HIS B 62 6.96 3.38 14.18
C HIS B 62 5.51 3.86 14.36
N GLY B 63 4.76 3.24 15.27
CA GLY B 63 3.38 3.65 15.58
C GLY B 63 3.29 5.09 16.07
N VAL B 64 2.10 5.69 15.96
CA VAL B 64 1.79 7.07 16.44
C VAL B 64 2.25 7.22 17.90
N TRP B 65 1.74 6.39 18.82
CA TRP B 65 2.03 6.55 20.29
C TRP B 65 3.51 6.24 20.54
N THR B 66 4.05 5.19 19.91
CA THR B 66 5.48 4.79 20.05
C THR B 66 6.41 5.93 19.62
N MET B 67 6.16 6.54 18.45
CA MET B 67 7.01 7.65 17.95
C MET B 67 6.88 8.88 18.87
N GLU B 68 5.67 9.20 19.32
CA GLU B 68 5.45 10.38 20.22
C GLU B 68 6.19 10.15 21.55
N GLU B 69 6.21 8.92 22.07
CA GLU B 69 6.97 8.55 23.30
C GLU B 69 8.47 8.77 23.11
N ARG B 70 8.96 8.64 21.88
CA ARG B 70 10.39 8.81 21.57
C ARG B 70 10.63 10.21 21.00
N GLY B 71 9.67 11.12 21.14
CA GLY B 71 9.79 12.50 20.66
C GLY B 71 9.96 12.56 19.16
N LEU B 72 9.34 11.61 18.44
CA LEU B 72 9.38 11.57 16.96
C LEU B 72 7.94 11.69 16.47
N ALA B 73 7.74 11.76 15.16
CA ALA B 73 6.40 11.89 14.56
C ALA B 73 6.07 10.62 13.78
N PRO B 74 4.81 10.16 13.80
CA PRO B 74 4.40 9.08 12.92
C PRO B 74 4.45 9.60 11.48
N LYS B 75 4.62 8.68 10.54
CA LYS B 75 4.81 9.03 9.12
C LYS B 75 3.62 8.40 8.37
N PHE B 76 2.93 9.23 7.62
CA PHE B 76 1.90 8.84 6.64
C PHE B 76 2.53 8.84 5.25
N ASP B 77 2.32 7.76 4.50
CA ASP B 77 2.74 7.64 3.08
C ASP B 77 1.53 7.85 2.15
N THR B 78 0.38 8.25 2.70
CA THR B 78 -0.89 8.51 1.99
C THR B 78 -1.70 9.53 2.79
N THR B 79 -2.63 10.22 2.15
CA THR B 79 -3.77 10.87 2.85
C THR B 79 -4.79 9.78 3.14
N PHE B 80 -5.75 10.07 4.03
CA PHE B 80 -6.88 9.13 4.26
C PHE B 80 -7.69 8.98 2.97
N GLU B 81 -7.83 10.06 2.19
CA GLU B 81 -8.63 10.06 0.95
C GLU B 81 -7.95 9.22 -0.14
N SER B 82 -6.61 9.20 -0.20
CA SER B 82 -5.86 8.53 -1.30
C SER B 82 -5.40 7.13 -0.89
N ALA B 83 -5.66 6.73 0.35
CA ALA B 83 -5.30 5.39 0.88
C ALA B 83 -6.12 4.35 0.11
N ARG B 84 -5.50 3.23 -0.22
CA ARG B 84 -6.22 2.13 -0.91
C ARG B 84 -6.42 0.98 0.09
N PRO B 85 -7.60 0.34 0.13
CA PRO B 85 -7.75 -0.92 0.85
C PRO B 85 -6.61 -1.87 0.48
N THR B 86 -6.10 -2.55 1.49
CA THR B 86 -5.00 -3.51 1.39
C THR B 86 -5.57 -4.81 0.81
N GLN B 87 -4.68 -5.73 0.48
CA GLN B 87 -5.00 -7.12 0.10
C GLN B 87 -5.88 -7.70 1.22
N THR B 88 -5.49 -7.46 2.48
CA THR B 88 -6.26 -7.88 3.67
C THR B 88 -7.69 -7.31 3.63
N HIS B 89 -7.86 -6.00 3.49
CA HIS B 89 -9.21 -5.39 3.34
C HIS B 89 -10.02 -6.10 2.26
N MET B 90 -9.47 -6.29 1.06
CA MET B 90 -10.22 -6.92 -0.04
C MET B 90 -10.45 -8.43 0.19
N ALA B 91 -9.58 -9.14 0.89
CA ALA B 91 -9.80 -10.55 1.23
C ALA B 91 -11.05 -10.59 2.13
N LEU B 92 -11.16 -9.64 3.07
CA LEU B 92 -12.29 -9.62 4.04
C LEU B 92 -13.60 -9.39 3.28
N VAL B 93 -13.57 -8.55 2.24
CA VAL B 93 -14.75 -8.29 1.36
C VAL B 93 -15.19 -9.63 0.77
N GLN B 94 -14.24 -10.37 0.20
CA GLN B 94 -14.52 -11.65 -0.48
C GLN B 94 -15.02 -12.70 0.50
N LEU B 95 -14.45 -12.78 1.70
CA LEU B 95 -14.80 -13.78 2.74
C LEU B 95 -16.24 -13.52 3.14
N GLU B 96 -16.65 -12.26 3.24
CA GLU B 96 -18.07 -11.92 3.57
C GLU B 96 -18.93 -12.33 2.37
N ARG B 97 -18.47 -12.05 1.16
CA ARG B 97 -19.29 -12.28 -0.06
C ARG B 97 -19.64 -13.77 -0.22
N VAL B 98 -18.72 -14.69 0.08
CA VAL B 98 -18.93 -16.15 -0.17
C VAL B 98 -19.44 -16.83 1.11
N GLY B 99 -19.71 -16.08 2.17
CA GLY B 99 -20.41 -16.59 3.36
C GLY B 99 -19.47 -17.14 4.42
N LEU B 100 -18.17 -16.84 4.38
CA LEU B 100 -17.19 -17.40 5.34
C LEU B 100 -16.89 -16.40 6.47
N LEU B 101 -17.36 -15.16 6.39
CA LEU B 101 -17.26 -14.13 7.44
C LEU B 101 -18.67 -13.73 7.88
N ARG B 102 -19.00 -13.98 9.17
CA ARG B 102 -20.30 -13.61 9.78
C ARG B 102 -20.31 -12.12 10.10
N PHE B 103 -19.25 -11.58 10.71
CA PHE B 103 -19.23 -10.17 11.17
C PHE B 103 -17.78 -9.68 11.26
N LEU B 104 -17.64 -8.37 11.15
CA LEU B 104 -16.34 -7.69 11.12
C LEU B 104 -16.36 -6.59 12.18
N VAL B 105 -15.52 -6.72 13.19
CA VAL B 105 -15.38 -5.71 14.28
C VAL B 105 -14.07 -4.96 14.09
N SER B 106 -14.11 -3.64 13.93
CA SER B 106 -12.90 -2.82 13.68
C SER B 106 -12.78 -1.65 14.65
N GLN B 107 -11.53 -1.43 15.07
CA GLN B 107 -11.10 -0.30 15.92
C GLN B 107 -10.64 0.85 15.01
N ASN B 108 -10.56 0.60 13.70
CA ASN B 108 -9.94 1.57 12.75
C ASN B 108 -10.95 2.67 12.42
N VAL B 109 -10.45 3.91 12.40
CA VAL B 109 -11.20 5.12 11.95
C VAL B 109 -10.83 5.50 10.51
N ASP B 110 -9.93 4.75 9.89
CA ASP B 110 -9.36 5.10 8.56
C ASP B 110 -10.44 5.01 7.44
N GLY B 111 -11.65 4.52 7.67
CA GLY B 111 -12.73 4.49 6.64
C GLY B 111 -12.56 3.41 5.57
N LEU B 112 -11.50 2.59 5.65
CA LEU B 112 -11.08 1.67 4.54
C LEU B 112 -12.04 0.49 4.38
N HIS B 113 -12.62 -0.06 5.47
CA HIS B 113 -13.57 -1.21 5.32
C HIS B 113 -14.81 -0.75 4.52
N VAL B 114 -15.42 0.38 4.92
CA VAL B 114 -16.54 1.01 4.19
C VAL B 114 -16.10 1.26 2.73
N ARG B 115 -14.97 1.92 2.53
CA ARG B 115 -14.55 2.33 1.17
C ARG B 115 -14.24 1.10 0.30
N SER B 116 -13.83 -0.03 0.90
CA SER B 116 -13.58 -1.31 0.22
C SER B 116 -14.87 -1.91 -0.38
N GLY B 117 -16.05 -1.41 0.04
CA GLY B 117 -17.39 -1.92 -0.38
C GLY B 117 -17.87 -3.05 0.55
N PHE B 118 -17.31 -3.10 1.77
CA PHE B 118 -17.68 -4.09 2.80
C PHE B 118 -19.06 -3.67 3.30
N PRO B 119 -20.03 -4.61 3.45
CA PRO B 119 -21.39 -4.23 3.84
C PRO B 119 -21.44 -3.72 5.28
N ARG B 120 -21.99 -2.53 5.42
CA ARG B 120 -22.03 -1.75 6.69
C ARG B 120 -22.85 -2.54 7.73
N ASP B 121 -23.84 -3.33 7.31
CA ASP B 121 -24.68 -4.08 8.29
C ASP B 121 -23.95 -5.32 8.84
N LYS B 122 -22.74 -5.62 8.39
CA LYS B 122 -21.89 -6.68 8.99
C LYS B 122 -20.60 -6.12 9.58
N LEU B 123 -20.55 -4.81 9.81
CA LEU B 123 -19.37 -4.05 10.30
C LEU B 123 -19.73 -3.28 11.57
N ALA B 124 -18.95 -3.46 12.63
CA ALA B 124 -18.94 -2.55 13.78
C ALA B 124 -17.66 -1.72 13.70
N GLU B 125 -17.82 -0.41 13.55
CA GLU B 125 -16.74 0.59 13.62
C GLU B 125 -16.71 1.17 15.04
N LEU B 126 -16.04 0.48 15.96
CA LEU B 126 -16.16 0.72 17.42
C LEU B 126 -15.64 2.11 17.79
N HIS B 127 -14.67 2.68 17.06
CA HIS B 127 -13.98 3.95 17.42
C HIS B 127 -14.38 5.09 16.48
N GLY B 128 -15.29 4.84 15.55
CA GLY B 128 -15.75 5.81 14.54
C GLY B 128 -15.10 5.58 13.18
N ASN B 129 -15.32 6.54 12.28
CA ASN B 129 -14.88 6.53 10.87
C ASN B 129 -14.68 7.99 10.47
N MET B 130 -13.47 8.34 10.04
CA MET B 130 -13.05 9.73 9.71
C MET B 130 -13.99 10.31 8.64
N PHE B 131 -14.60 9.47 7.78
CA PHE B 131 -15.42 9.93 6.64
C PHE B 131 -16.91 10.02 6.99
N VAL B 132 -17.30 9.64 8.19
CA VAL B 132 -18.73 9.49 8.57
C VAL B 132 -19.10 10.58 9.57
N GLU B 133 -20.17 11.30 9.27
CA GLU B 133 -20.77 12.28 10.21
C GLU B 133 -22.24 11.89 10.41
N GLU B 134 -22.76 12.23 11.58
CA GLU B 134 -24.07 11.74 12.09
C GLU B 134 -24.89 12.94 12.56
N CYS B 135 -26.15 12.99 12.17
CA CYS B 135 -27.13 14.00 12.65
C CYS B 135 -27.47 13.67 14.10
N ALA B 136 -27.22 14.60 15.01
CA ALA B 136 -27.59 14.45 16.45
C ALA B 136 -29.10 14.24 16.57
N LYS B 137 -29.89 14.94 15.74
CA LYS B 137 -31.37 14.88 15.85
C LYS B 137 -31.88 13.50 15.43
N CYS B 138 -31.65 13.07 14.19
CA CYS B 138 -32.31 11.86 13.63
C CYS B 138 -31.35 10.66 13.53
N LYS B 139 -30.07 10.84 13.89
CA LYS B 139 -29.05 9.75 13.93
C LYS B 139 -28.70 9.30 12.50
N THR B 140 -29.21 9.98 11.47
CA THR B 140 -28.89 9.65 10.05
C THR B 140 -27.38 9.83 9.87
N GLN B 141 -26.71 8.80 9.34
CA GLN B 141 -25.26 8.86 9.03
C GLN B 141 -25.08 9.25 7.56
N TYR B 142 -24.00 9.97 7.31
CA TYR B 142 -23.55 10.38 5.96
C TYR B 142 -22.12 9.88 5.80
N VAL B 143 -21.92 9.02 4.79
CA VAL B 143 -20.57 8.56 4.36
C VAL B 143 -20.07 9.55 3.30
N ARG B 144 -19.09 10.38 3.68
CA ARG B 144 -18.52 11.41 2.79
C ARG B 144 -17.32 10.84 2.02
N ASP B 145 -17.04 11.48 0.88
CA ASP B 145 -15.85 11.24 0.02
C ASP B 145 -14.57 11.86 0.60
N THR B 146 -14.64 12.74 1.60
CA THR B 146 -13.46 13.36 2.25
C THR B 146 -13.59 13.21 3.75
N VAL B 147 -12.48 13.29 4.48
CA VAL B 147 -12.51 13.15 5.96
C VAL B 147 -13.36 14.31 6.49
N VAL B 148 -14.25 14.01 7.43
CA VAL B 148 -14.93 14.98 8.30
C VAL B 148 -13.85 15.68 9.16
N GLY B 149 -13.85 17.02 9.13
CA GLY B 149 -12.68 17.83 9.54
C GLY B 149 -12.52 17.94 11.04
N THR B 150 -13.41 17.33 11.82
CA THR B 150 -13.40 17.40 13.31
C THR B 150 -13.17 16.00 13.89
N MET B 151 -12.82 15.95 15.16
CA MET B 151 -12.73 14.70 15.96
C MET B 151 -13.30 15.00 17.35
N GLY B 152 -13.78 13.96 18.05
CA GLY B 152 -14.31 14.07 19.42
C GLY B 152 -15.80 14.35 19.45
N LEU B 153 -16.51 14.03 18.36
CA LEU B 153 -18.00 14.10 18.24
C LEU B 153 -18.44 15.57 18.25
N LYS B 154 -17.71 16.45 17.57
CA LYS B 154 -17.99 17.90 17.47
C LYS B 154 -18.82 18.20 16.21
N ALA B 155 -19.50 19.35 16.19
CA ALA B 155 -20.29 19.84 15.05
C ALA B 155 -19.32 20.06 13.87
N THR B 156 -19.64 19.54 12.68
CA THR B 156 -18.77 19.63 11.48
C THR B 156 -18.99 20.97 10.77
N GLY B 157 -20.13 21.60 11.05
CA GLY B 157 -20.60 22.84 10.40
C GLY B 157 -21.69 22.55 9.37
N ARG B 158 -21.98 21.28 9.10
CA ARG B 158 -22.99 20.89 8.07
C ARG B 158 -24.29 20.49 8.77
N LEU B 159 -25.40 20.56 8.03
CA LEU B 159 -26.76 20.28 8.54
C LEU B 159 -27.34 19.07 7.84
N CYS B 160 -28.21 18.35 8.54
CA CYS B 160 -28.92 17.14 8.04
C CYS B 160 -29.84 17.54 6.88
N THR B 161 -29.97 16.67 5.87
CA THR B 161 -30.68 16.92 4.59
C THR B 161 -31.90 15.98 4.45
N VAL B 162 -32.21 15.18 5.47
CA VAL B 162 -33.32 14.18 5.43
C VAL B 162 -34.64 14.92 5.20
N ALA B 163 -35.49 14.39 4.29
CA ALA B 163 -36.73 15.04 3.78
C ALA B 163 -37.51 15.69 4.93
N CYS B 171 -34.98 18.33 8.40
CA CYS B 171 -34.46 18.03 9.76
C CYS B 171 -33.44 19.11 10.18
N ARG B 172 -32.57 19.52 9.25
CA ARG B 172 -31.54 20.58 9.46
C ARG B 172 -30.82 20.36 10.79
N GLY B 173 -30.78 19.12 11.29
CA GLY B 173 -30.04 18.79 12.51
C GLY B 173 -28.55 19.00 12.33
N GLU B 174 -27.85 19.28 13.43
CA GLU B 174 -26.38 19.48 13.47
C GLU B 174 -25.69 18.15 13.13
N LEU B 175 -24.88 18.12 12.06
CA LEU B 175 -24.00 16.95 11.76
C LEU B 175 -22.75 17.02 12.64
N ARG B 176 -22.36 15.88 13.21
CA ARG B 176 -21.19 15.74 14.11
C ARG B 176 -20.30 14.61 13.60
N ASP B 177 -18.98 14.68 13.83
CA ASP B 177 -18.06 13.55 13.48
C ASP B 177 -18.42 12.35 14.35
N THR B 178 -17.91 11.15 14.01
CA THR B 178 -18.15 9.92 14.81
C THR B 178 -16.86 9.46 15.51
N ILE B 179 -15.84 10.32 15.58
CA ILE B 179 -14.50 9.94 16.13
C ILE B 179 -14.51 10.12 17.66
N LEU B 180 -14.53 9.00 18.39
CA LEU B 180 -14.45 8.94 19.88
C LEU B 180 -13.15 9.60 20.33
N ASP B 181 -13.24 10.55 21.28
CA ASP B 181 -12.10 10.98 22.11
C ASP B 181 -11.96 10.00 23.29
N TRP B 182 -10.89 10.14 24.07
CA TRP B 182 -10.52 9.21 25.18
C TRP B 182 -11.71 8.94 26.12
N GLU B 183 -12.48 9.97 26.48
CA GLU B 183 -13.53 9.87 27.54
C GLU B 183 -14.83 9.31 26.97
N ASP B 184 -14.99 9.29 25.64
CA ASP B 184 -16.25 8.91 24.96
C ASP B 184 -16.44 7.40 25.02
N SER B 185 -17.62 6.96 25.44
CA SER B 185 -18.04 5.54 25.41
C SER B 185 -18.29 5.13 23.95
N LEU B 186 -18.22 3.83 23.69
CA LEU B 186 -18.38 3.25 22.34
C LEU B 186 -19.83 3.42 21.86
N PRO B 187 -20.07 3.56 20.53
CA PRO B 187 -21.43 3.56 20.00
C PRO B 187 -22.16 2.29 20.45
N ASP B 188 -23.31 2.49 21.11
CA ASP B 188 -24.14 1.41 21.74
C ASP B 188 -24.50 0.36 20.69
N ARG B 189 -25.00 0.79 19.52
CA ARG B 189 -25.43 -0.11 18.41
C ARG B 189 -24.26 -0.98 17.97
N ASP B 190 -23.12 -0.36 17.62
CA ASP B 190 -21.92 -1.06 17.09
C ASP B 190 -21.38 -2.04 18.14
N LEU B 191 -21.29 -1.65 19.41
CA LEU B 191 -20.70 -2.50 20.49
C LEU B 191 -21.61 -3.71 20.74
N ALA B 192 -22.92 -3.48 20.85
CA ALA B 192 -23.93 -4.52 21.06
C ALA B 192 -23.82 -5.57 19.93
N LEU B 193 -23.84 -5.14 18.66
CA LEU B 193 -23.76 -6.09 17.52
C LEU B 193 -22.40 -6.81 17.52
N ALA B 194 -21.31 -6.09 17.78
CA ALA B 194 -19.96 -6.69 17.92
C ALA B 194 -19.95 -7.71 19.06
N ASP B 195 -20.47 -7.33 20.23
CA ASP B 195 -20.49 -8.24 21.41
C ASP B 195 -21.27 -9.50 21.04
N GLU B 196 -22.47 -9.34 20.47
CA GLU B 196 -23.36 -10.47 20.09
C GLU B 196 -22.67 -11.38 19.06
N ALA B 197 -22.01 -10.80 18.07
CA ALA B 197 -21.30 -11.59 17.04
C ALA B 197 -20.17 -12.38 17.70
N SER B 198 -19.40 -11.76 18.60
CA SER B 198 -18.21 -12.39 19.24
C SER B 198 -18.65 -13.57 20.12
N ARG B 199 -19.72 -13.39 20.90
CA ARG B 199 -20.24 -14.42 21.84
C ARG B 199 -20.77 -15.63 21.05
N ASN B 200 -21.38 -15.37 19.89
CA ASN B 200 -22.04 -16.38 19.03
C ASN B 200 -21.01 -17.06 18.09
N ALA B 201 -19.88 -16.41 17.82
CA ALA B 201 -18.82 -16.94 16.93
C ALA B 201 -18.26 -18.23 17.52
N ASP B 202 -17.89 -19.21 16.68
CA ASP B 202 -17.07 -20.38 17.09
C ASP B 202 -15.61 -20.19 16.63
N LEU B 203 -15.36 -19.14 15.84
CA LEU B 203 -13.98 -18.72 15.51
C LEU B 203 -13.91 -17.18 15.47
N SER B 204 -13.02 -16.62 16.28
CA SER B 204 -12.66 -15.17 16.24
C SER B 204 -11.22 -15.09 15.73
N ILE B 205 -11.00 -14.29 14.69
CA ILE B 205 -9.65 -14.10 14.10
C ILE B 205 -9.33 -12.63 14.27
N THR B 206 -8.26 -12.31 14.98
CA THR B 206 -7.79 -10.91 15.18
C THR B 206 -6.68 -10.66 14.14
N LEU B 207 -6.68 -9.48 13.52
CA LEU B 207 -5.73 -9.06 12.45
C LEU B 207 -5.15 -7.67 12.81
N GLY B 208 -3.85 -7.61 13.11
CA GLY B 208 -3.15 -6.31 13.29
C GLY B 208 -3.79 -5.45 14.36
N THR B 209 -4.14 -6.05 15.49
CA THR B 209 -4.52 -5.34 16.72
C THR B 209 -3.71 -5.95 17.88
N SER B 210 -3.20 -5.09 18.75
CA SER B 210 -2.46 -5.51 19.97
C SER B 210 -3.43 -5.81 21.12
N LEU B 211 -4.73 -5.55 20.93
CA LEU B 211 -5.89 -5.96 21.79
C LEU B 211 -5.77 -5.29 23.19
N GLN B 212 -5.26 -4.07 23.25
CA GLN B 212 -4.92 -3.37 24.51
C GLN B 212 -6.04 -2.44 24.98
N ILE B 213 -6.98 -2.08 24.09
CA ILE B 213 -8.12 -1.17 24.43
C ILE B 213 -9.33 -2.00 24.85
N ARG B 214 -9.93 -1.67 26.00
CA ARG B 214 -11.21 -2.23 26.49
C ARG B 214 -12.34 -1.33 26.02
N PRO B 215 -13.52 -1.86 25.61
CA PRO B 215 -13.77 -3.31 25.57
C PRO B 215 -13.38 -4.00 24.26
N SER B 216 -13.10 -3.22 23.22
CA SER B 216 -12.73 -3.67 21.85
C SER B 216 -11.82 -4.91 21.89
N GLY B 217 -10.68 -4.81 22.59
CA GLY B 217 -9.64 -5.87 22.65
C GLY B 217 -10.09 -7.11 23.41
N ASN B 218 -11.16 -7.02 24.20
CA ASN B 218 -11.69 -8.18 24.97
C ASN B 218 -12.74 -8.93 24.16
N LEU B 219 -13.37 -8.31 23.17
CA LEU B 219 -14.46 -8.97 22.36
C LEU B 219 -14.00 -10.34 21.87
N PRO B 220 -12.79 -10.51 21.29
CA PRO B 220 -12.35 -11.83 20.85
C PRO B 220 -12.38 -12.95 21.90
N LEU B 221 -12.14 -12.59 23.16
CA LEU B 221 -12.17 -13.54 24.31
C LEU B 221 -13.59 -14.08 24.49
N ALA B 222 -14.61 -13.28 24.18
CA ALA B 222 -16.04 -13.69 24.30
C ALA B 222 -16.28 -14.97 23.49
N THR B 223 -15.54 -15.17 22.39
CA THR B 223 -15.65 -16.35 21.49
C THR B 223 -15.19 -17.59 22.27
N LYS B 224 -14.19 -17.44 23.14
CA LYS B 224 -13.63 -18.57 23.92
C LYS B 224 -14.71 -19.20 24.81
N ARG B 225 -15.73 -18.44 25.21
CA ARG B 225 -16.90 -18.92 26.00
C ARG B 225 -17.73 -19.86 25.13
N ARG B 226 -18.00 -21.07 25.62
CA ARG B 226 -18.78 -22.15 24.94
C ARG B 226 -17.91 -22.77 23.85
N GLY B 227 -16.59 -22.79 24.07
CA GLY B 227 -15.66 -23.67 23.34
C GLY B 227 -15.22 -23.09 22.01
N GLY B 228 -15.50 -21.81 21.74
CA GLY B 228 -15.04 -21.14 20.50
C GLY B 228 -13.54 -21.05 20.45
N ARG B 229 -12.98 -20.96 19.23
CA ARG B 229 -11.51 -20.87 19.00
C ARG B 229 -11.13 -19.41 18.78
N LEU B 230 -9.89 -19.07 19.12
CA LEU B 230 -9.35 -17.73 18.88
C LEU B 230 -8.05 -17.86 18.10
N VAL B 231 -7.93 -17.09 17.01
CA VAL B 231 -6.66 -16.92 16.27
C VAL B 231 -6.24 -15.46 16.38
N ILE B 232 -4.97 -15.23 16.70
CA ILE B 232 -4.34 -13.90 16.72
C ILE B 232 -3.29 -13.85 15.63
N VAL B 233 -3.45 -12.92 14.68
CA VAL B 233 -2.45 -12.63 13.63
C VAL B 233 -1.91 -11.23 13.93
N ASN B 234 -0.63 -11.15 14.28
CA ASN B 234 -0.01 -9.88 14.75
C ASN B 234 1.51 -10.04 14.73
N LEU B 235 2.24 -8.97 14.40
CA LEU B 235 3.72 -8.99 14.36
C LEU B 235 4.30 -8.89 15.78
N GLN B 236 3.59 -8.18 16.65
CA GLN B 236 3.97 -7.96 18.07
C GLN B 236 3.13 -8.83 18.97
N PRO B 237 3.58 -9.06 20.23
CA PRO B 237 2.71 -9.59 21.27
C PRO B 237 1.41 -8.78 21.44
N THR B 238 0.34 -9.47 21.76
CA THR B 238 -0.99 -8.88 22.07
C THR B 238 -1.28 -9.16 23.54
N LYS B 239 -2.16 -8.35 24.12
CA LYS B 239 -2.64 -8.49 25.52
C LYS B 239 -3.14 -9.91 25.77
N HIS B 240 -3.76 -10.59 24.79
CA HIS B 240 -4.48 -11.88 25.07
C HIS B 240 -3.79 -13.08 24.40
N ASP B 241 -2.48 -12.99 24.11
CA ASP B 241 -1.73 -14.07 23.42
C ASP B 241 -1.97 -15.42 24.09
N ARG B 242 -2.03 -15.44 25.42
CA ARG B 242 -2.19 -16.67 26.27
C ARG B 242 -3.49 -17.41 25.90
N HIS B 243 -4.57 -16.67 25.60
CA HIS B 243 -5.92 -17.23 25.32
C HIS B 243 -6.07 -17.71 23.88
N ALA B 244 -5.08 -17.49 23.01
CA ALA B 244 -5.17 -17.84 21.57
C ALA B 244 -4.95 -19.35 21.41
N ASP B 245 -5.72 -19.99 20.53
CA ASP B 245 -5.50 -21.38 20.11
C ASP B 245 -4.40 -21.39 19.05
N LEU B 246 -4.16 -20.24 18.40
CA LEU B 246 -3.22 -20.09 17.26
C LEU B 246 -2.77 -18.63 17.18
N ARG B 247 -1.47 -18.41 17.28
CA ARG B 247 -0.83 -17.09 17.07
C ARG B 247 0.02 -17.20 15.81
N ILE B 248 -0.19 -16.28 14.87
CA ILE B 248 0.56 -16.21 13.59
C ILE B 248 1.29 -14.86 13.60
N HIS B 249 2.61 -14.94 13.60
CA HIS B 249 3.52 -13.78 13.62
C HIS B 249 4.03 -13.55 12.21
N GLY B 250 3.33 -12.69 11.46
CA GLY B 250 3.75 -12.34 10.10
C GLY B 250 2.96 -11.16 9.61
N TYR B 251 3.27 -10.66 8.41
CA TYR B 251 2.47 -9.59 7.75
C TYR B 251 1.08 -10.13 7.40
N VAL B 252 0.04 -9.38 7.77
CA VAL B 252 -1.35 -9.84 7.61
C VAL B 252 -1.66 -10.02 6.12
N ASP B 253 -1.10 -9.21 5.22
CA ASP B 253 -1.28 -9.42 3.76
C ASP B 253 -0.77 -10.81 3.34
N GLU B 254 0.40 -11.24 3.81
CA GLU B 254 0.98 -12.56 3.44
C GLU B 254 0.08 -13.66 3.99
N VAL B 255 -0.34 -13.53 5.24
CA VAL B 255 -1.22 -14.53 5.90
C VAL B 255 -2.53 -14.63 5.13
N MET B 256 -3.15 -13.49 4.84
CA MET B 256 -4.48 -13.45 4.20
C MET B 256 -4.34 -13.91 2.73
N THR B 257 -3.27 -13.59 2.00
CA THR B 257 -3.12 -14.05 0.59
C THR B 257 -2.97 -15.58 0.57
N ARG B 258 -2.17 -16.12 1.50
CA ARG B 258 -1.94 -17.57 1.57
C ARG B 258 -3.26 -18.25 1.95
N LEU B 259 -4.01 -17.67 2.90
CA LEU B 259 -5.29 -18.26 3.36
C LEU B 259 -6.29 -18.35 2.20
N MET B 260 -6.47 -17.24 1.49
CA MET B 260 -7.40 -17.14 0.34
C MET B 260 -7.00 -18.21 -0.68
N LYS B 261 -5.71 -18.36 -0.96
CA LYS B 261 -5.20 -19.40 -1.89
C LYS B 261 -5.63 -20.79 -1.38
N HIS B 262 -5.43 -21.09 -0.11
CA HIS B 262 -5.86 -22.36 0.54
C HIS B 262 -7.39 -22.51 0.44
N LEU B 263 -8.16 -21.42 0.59
CA LEU B 263 -9.65 -21.51 0.50
C LEU B 263 -10.08 -21.56 -0.97
N GLY B 264 -9.17 -21.34 -1.93
CA GLY B 264 -9.52 -21.36 -3.37
C GLY B 264 -10.32 -20.14 -3.78
N LEU B 265 -10.11 -19.00 -3.11
CA LEU B 265 -10.81 -17.71 -3.33
C LEU B 265 -9.84 -16.70 -3.95
N GLU B 266 -10.33 -15.92 -4.92
CA GLU B 266 -9.63 -14.76 -5.52
C GLU B 266 -9.82 -13.59 -4.55
N ILE B 267 -8.85 -12.69 -4.54
CA ILE B 267 -8.99 -11.37 -3.87
C ILE B 267 -9.52 -10.41 -4.91
N PRO B 268 -10.75 -9.90 -4.69
CA PRO B 268 -11.44 -9.06 -5.67
C PRO B 268 -10.75 -7.70 -5.87
N ALA B 269 -10.92 -7.18 -7.08
CA ALA B 269 -10.41 -5.87 -7.51
C ALA B 269 -11.15 -4.79 -6.73
N TRP B 270 -10.44 -3.72 -6.38
CA TRP B 270 -11.04 -2.50 -5.81
C TRP B 270 -11.30 -1.49 -6.92
N ASP B 271 -12.58 -1.18 -7.18
CA ASP B 271 -13.06 -0.23 -8.23
C ASP B 271 -12.98 1.22 -7.76
N GLY B 272 -12.33 1.49 -6.62
CA GLY B 272 -12.36 2.81 -5.96
C GLY B 272 -13.42 2.85 -4.85
N PRO B 273 -13.55 4.00 -4.16
CA PRO B 273 -14.40 4.11 -2.98
C PRO B 273 -15.87 3.82 -3.32
N ARG B 274 -16.48 2.90 -2.60
CA ARG B 274 -17.84 2.40 -2.88
C ARG B 274 -18.48 2.02 -1.54
N VAL B 275 -19.70 2.47 -1.33
CA VAL B 275 -20.42 2.26 -0.05
C VAL B 275 -21.54 1.25 -0.27
N LEU B 276 -21.49 0.15 0.48
CA LEU B 276 -22.53 -0.90 0.43
C LEU B 276 -23.21 -0.94 1.80
N GLU B 277 -24.51 -0.60 1.86
CA GLU B 277 -25.24 -0.59 3.15
C GLU B 277 -25.47 -2.01 3.66
N ARG B 278 -25.89 -2.94 2.80
CA ARG B 278 -26.39 -4.25 3.24
C ARG B 278 -25.73 -5.40 2.47
N ALA B 279 -25.36 -6.43 3.24
CA ALA B 279 -24.85 -7.73 2.77
C ALA B 279 -25.91 -8.39 1.88
N LEU B 280 -25.44 -9.04 0.83
CA LEU B 280 -26.23 -9.94 -0.05
C LEU B 280 -26.17 -11.38 0.47
N PRO B 281 -27.07 -12.26 -0.04
CA PRO B 281 -26.92 -13.70 0.17
C PRO B 281 -25.53 -14.11 -0.31
N PRO B 282 -24.93 -15.19 0.25
CA PRO B 282 -23.58 -15.58 -0.14
C PRO B 282 -23.47 -15.97 -1.63
N LEU B 283 -22.35 -15.60 -2.25
CA LEU B 283 -21.97 -16.06 -3.60
C LEU B 283 -21.57 -17.53 -3.50
N PRO B 284 -21.52 -18.27 -4.63
CA PRO B 284 -21.00 -19.63 -4.66
C PRO B 284 -19.56 -19.67 -4.16
N ARG B 285 -19.20 -20.71 -3.41
CA ARG B 285 -17.80 -20.87 -2.94
C ARG B 285 -17.37 -22.31 -3.18
N PRO B 286 -16.06 -22.60 -3.17
CA PRO B 286 -15.59 -23.95 -3.43
C PRO B 286 -16.15 -24.96 -2.44
N PRO B 287 -16.24 -26.25 -2.84
CA PRO B 287 -16.58 -27.30 -1.91
C PRO B 287 -15.44 -27.38 -0.88
N THR B 288 -15.78 -27.90 0.29
CA THR B 288 -14.89 -27.98 1.49
C THR B 288 -14.03 -29.23 1.39
N PRO B 289 -12.74 -29.18 1.79
CA PRO B 289 -11.93 -30.39 1.91
C PRO B 289 -12.44 -31.36 2.98
N LYS B 290 -12.14 -32.65 2.81
CA LYS B 290 -12.24 -33.63 3.92
C LYS B 290 -11.08 -33.38 4.89
N LEU B 291 -11.36 -33.16 6.16
CA LEU B 291 -10.33 -32.73 7.15
C LEU B 291 -9.75 -33.95 7.87
N GLU B 292 -10.58 -34.83 8.43
CA GLU B 292 -10.14 -36.04 9.20
C GLU B 292 -10.09 -37.24 8.26
N1 AR6 C . 4.61 10.71 -2.53
C2 AR6 C . 5.53 11.58 -2.95
N3 AR6 C . 6.82 11.66 -2.63
C4 AR6 C . 7.19 10.68 -1.79
C5 AR6 C . 6.36 9.71 -1.26
C6 AR6 C . 5.01 9.72 -1.67
N6 AR6 C . 4.10 8.85 -1.26
N7 AR6 C . 7.09 8.87 -0.44
C8 AR6 C . 8.31 9.35 -0.43
N9 AR6 C . 8.42 10.45 -1.24
PA AR6 C . 15.07 8.91 -1.88
PB AR6 C . 15.65 7.54 -4.42
C1' AR6 C . 9.65 11.15 -1.57
O1A AR6 C . 16.37 9.62 -1.93
O1B AR6 C . 14.91 6.44 -5.12
C1D AR6 C . 19.78 4.91 -2.66
O1D AR6 C . 21.07 4.75 -2.11
C2' AR6 C . 10.61 11.47 -0.43
O2' AR6 C . 10.32 12.78 -0.06
O2A AR6 C . 14.58 8.25 -0.63
O2B AR6 C . 15.67 8.89 -5.04
C2D AR6 C . 19.36 3.73 -3.56
O2D AR6 C . 20.39 3.17 -4.33
C3' AR6 C . 11.98 11.37 -1.11
O3' AR6 C . 12.52 12.63 -1.37
O3A AR6 C . 15.05 7.70 -2.93
C3D AR6 C . 18.30 4.37 -4.47
O3D AR6 C . 18.04 3.61 -5.65
C4' AR6 C . 11.72 10.66 -2.45
O4' AR6 C . 10.33 10.29 -2.41
C4D AR6 C . 18.98 5.71 -4.75
O4D AR6 C . 19.67 6.07 -3.52
C5' AR6 C . 12.59 9.44 -2.58
O5' AR6 C . 13.95 9.90 -2.41
C5D AR6 C . 18.05 6.83 -5.14
O5D AR6 C . 17.09 7.08 -4.03
ZN ZN D . 23.51 -18.84 -19.38
C1 PEG E . 11.41 -8.12 6.19
O1 PEG E . 10.50 -8.45 7.22
C2 PEG E . 10.75 -7.48 5.03
O2 PEG E . 11.63 -6.53 4.44
C3 PEG E . 12.74 -7.13 3.79
C4 PEG E . 14.00 -6.79 4.53
O4 PEG E . 15.14 -6.82 3.67
O1 P6G F . 30.96 3.83 -9.20
C2 P6G F . 29.55 3.87 -9.03
C3 P6G F . 28.85 4.40 -10.24
O4 P6G F . 27.44 4.31 -10.07
C5 P6G F . 26.88 5.42 -9.37
C6 P6G F . 25.43 5.20 -9.15
O7 P6G F . 25.24 4.02 -8.38
C8 P6G F . 23.94 3.92 -7.80
C9 P6G F . 23.87 2.71 -6.91
O10 P6G F . 23.22 3.06 -5.70
C11 P6G F . 23.96 2.71 -4.54
C12 P6G F . 23.85 1.24 -4.30
O13 P6G F . 24.14 0.96 -2.93
C14 P6G F . 22.99 1.07 -2.07
C15 P6G F . 22.16 -0.17 -2.19
O16 P6G F . 21.21 -0.19 -1.13
C17 P6G F . 19.92 -0.66 -1.52
C18 P6G F . 19.94 -2.14 -1.65
O19 P6G F . 18.69 -2.73 -1.38
C1 PEG G . -3.48 12.85 8.98
O1 PEG G . -2.62 13.42 9.96
C2 PEG G . -3.33 13.53 7.64
O2 PEG G . -2.66 12.67 6.72
C3 PEG G . -2.09 13.40 5.63
C4 PEG G . -0.72 13.90 5.98
O4 PEG G . -0.35 15.05 5.24
S SO4 H . 6.99 25.60 -6.09
O1 SO4 H . 6.37 25.25 -7.34
O2 SO4 H . 8.20 24.83 -5.91
O3 SO4 H . 6.08 25.32 -5.02
O4 SO4 H . 7.31 26.99 -6.09
S SO4 I . 26.40 12.15 -14.84
O1 SO4 I . 26.87 11.27 -15.86
O2 SO4 I . 27.31 13.26 -14.69
O3 SO4 I . 25.10 12.66 -15.20
O4 SO4 I . 26.31 11.43 -13.59
S SO4 J . 18.75 -17.63 -2.97
O1 SO4 J . 18.37 -16.62 -3.94
O2 SO4 J . 20.04 -17.27 -2.41
O3 SO4 J . 18.86 -18.92 -3.59
O4 SO4 J . 17.76 -17.70 -1.93
S SO4 K . 17.65 24.98 -17.47
O1 SO4 K . 17.49 25.21 -18.88
O2 SO4 K . 18.83 25.66 -17.00
O3 SO4 K . 17.80 23.57 -17.23
O4 SO4 K . 16.50 25.47 -16.76
C1 HBD L . 15.89 -1.72 0.68
C2 HBD L . 15.31 -0.73 1.48
C3 HBD L . 14.40 0.15 0.95
C4 HBD L . 14.06 0.08 -0.39
C5 HBD L . 14.63 -0.91 -1.20
C6 HBD L . 15.54 -1.79 -0.66
C1' HBD L . 16.86 -2.69 1.29
O1' HBD L . 17.48 -2.37 2.31
N1' HBD L . 17.03 -3.86 0.69
O4 HBD L . 13.17 0.98 -0.91
CL CL M . 11.15 -9.48 1.85
CL CL N . 20.21 -1.38 1.72
N1 AR6 O . 0.84 -7.32 9.77
C2 AR6 O . 0.66 -7.77 11.01
N3 AR6 O . 0.67 -7.09 12.16
C4 AR6 O . 0.87 -5.78 11.93
C5 AR6 O . 1.08 -5.18 10.72
C6 AR6 O . 1.08 -5.99 9.57
N6 AR6 O . 1.23 -5.51 8.34
N7 AR6 O . 1.28 -3.82 10.89
C8 AR6 O . 1.17 -3.62 12.18
N9 AR6 O . 0.96 -4.78 12.85
PA AR6 O . -2.04 -0.99 17.73
PB AR6 O . -4.98 -1.12 17.58
C1' AR6 O . 0.67 -4.95 14.26
O1A AR6 O . -2.17 -0.97 19.21
O1B AR6 O . -5.93 -0.96 16.43
C1D AR6 O . -5.80 3.64 19.63
O1D AR6 O . -5.80 4.49 20.71
C2' AR6 O . 1.59 -4.30 15.29
O2' AR6 O . 2.51 -5.23 15.80
O2A AR6 O . -1.05 -0.15 17.02
O2B AR6 O . -4.83 -2.44 18.25
C2D AR6 O . -7.03 3.86 18.75
O2D AR6 O . -8.21 4.11 19.47
C3' AR6 O . 0.63 -3.90 16.42
O3' AR6 O . 0.82 -4.83 17.49
O3A AR6 O . -3.50 -0.68 17.08
C3D AR6 O . -7.16 2.49 18.08
O3D AR6 O . -8.42 2.26 17.47
C4' AR6 O . -0.77 -4.00 15.80
O4' AR6 O . -0.59 -4.36 14.41
C4D AR6 O . -6.94 1.63 19.33
O4D AR6 O . -5.90 2.31 20.06
C5' AR6 O . -1.54 -2.72 15.89
O5' AR6 O . -1.78 -2.48 17.28
C5D AR6 O . -6.58 0.19 19.11
O5D AR6 O . -5.22 0.05 18.64
ZN ZN P . -31.26 14.69 10.82
O1 P6G Q . -13.34 5.96 29.37
C2 P6G Q . -13.98 5.83 28.11
C3 P6G Q . -14.54 4.47 27.88
O4 P6G Q . -14.18 4.01 26.58
C5 P6G Q . -12.91 3.38 26.53
C6 P6G Q . -12.63 2.92 25.14
O7 P6G Q . -12.50 4.04 24.28
C8 P6G Q . -11.65 3.78 23.16
C9 P6G Q . -11.74 4.90 22.16
O10 P6G Q . -10.46 5.15 21.59
C11 P6G Q . -9.77 6.25 22.17
C12 P6G Q . -9.85 7.44 21.29
O13 P6G Q . -8.69 8.25 21.44
C14 P6G Q . -7.58 7.88 20.61
C15 P6G Q . -7.99 7.97 19.17
O16 P6G Q . -6.86 8.25 18.34
C17 P6G Q . -7.16 8.15 16.95
C18 P6G Q . -8.08 9.27 16.54
O19 P6G Q . -7.99 9.59 15.17
S SO4 R . 7.12 4.30 8.80
O1 SO4 R . 7.76 4.30 7.52
O2 SO4 R . 8.04 4.78 9.78
O3 SO4 R . 5.98 5.15 8.78
O4 SO4 R . 6.76 2.97 9.16
S SO4 S . 3.77 -19.24 19.34
O1 SO4 S . 4.98 -19.18 18.57
O2 SO4 S . 2.75 -19.90 18.56
O3 SO4 S . 3.35 -17.92 19.67
O4 SO4 S . 4.00 -19.98 20.54
S SO4 T . -6.76 -4.06 -7.79
O1 SO4 T . -7.71 -4.35 -8.84
O2 SO4 T . -5.55 -3.51 -8.36
O3 SO4 T . -6.42 -5.28 -7.09
O4 SO4 T . -7.33 -3.13 -6.86
S SO4 U . -14.83 -4.95 29.00
O1 SO4 U . -13.94 -5.73 28.18
O2 SO4 U . -14.48 -3.55 28.92
O3 SO4 U . -16.19 -5.13 28.53
O4 SO4 U . -14.73 -5.40 30.36
S SO4 V . -14.95 19.67 7.37
O1 SO4 V . -15.70 20.30 6.33
O2 SO4 V . -13.55 19.89 7.14
O3 SO4 V . -15.24 18.26 7.38
O4 SO4 V . -15.32 20.24 8.65
S SO4 W . -8.34 -19.87 27.86
O1 SO4 W . -8.32 -21.12 27.15
O2 SO4 W . -7.09 -19.18 27.65
O3 SO4 W . -9.43 -19.07 27.39
O4 SO4 W . -8.49 -20.12 29.28
C1 HBD X . -4.43 8.47 12.84
C2 HBD X . -3.30 7.66 12.87
C3 HBD X . -3.37 6.31 12.58
C4 HBD X . -4.61 5.76 12.24
C5 HBD X . -5.74 6.55 12.21
C6 HBD X . -5.65 7.89 12.53
C1' HBD X . -4.28 9.91 13.19
O1' HBD X . -3.35 10.27 13.93
N1' HBD X . -5.14 10.78 12.66
O4 HBD X . -4.67 4.42 11.95
CL CL Y . -5.59 12.71 5.24
CL CL Z . -5.02 10.65 16.71
#